data_3NR1
#
_entry.id   3NR1
#
_cell.length_a   53.900
_cell.length_b   62.400
_cell.length_c   53.900
_cell.angle_alpha   90.000
_cell.angle_beta   95.300
_cell.angle_gamma   90.000
#
_symmetry.space_group_name_H-M   'P 1 21 1'
#
loop_
_entity.id
_entity.type
_entity.pdbx_description
1 polymer 'HD domain-containing protein 3'
2 non-polymer 'MANGANESE (II) ION'
3 water water
#
_entity_poly.entity_id   1
_entity_poly.type   'polypeptide(L)'
_entity_poly.pdbx_seq_one_letter_code
;GSEAAQLLEAADFAARKHRQQRRKDPEGTPYINHPIGVARILTHEAGITDIVVLQAALLHDTVEDTDTTLDEVELHFGAQ
VRRLVEEVTDDKTLPKLERKRLQVEQAPHSSPGAKLVKLADKLYNLRDLNRCTPEGWSEHRVQEYFEWAAQVVKGLQGTN
RQLEEALKHLFKQRGLTI
;
_entity_poly.pdbx_strand_id   A,B
#
# COMPACT_ATOMS: atom_id res chain seq x y z
N GLY A 1 -6.62 16.86 -4.13
CA GLY A 1 -6.51 18.11 -3.32
C GLY A 1 -5.32 18.09 -2.39
N SER A 2 -5.25 17.07 -1.54
CA SER A 2 -4.17 16.90 -0.58
C SER A 2 -3.09 15.97 -1.11
N GLU A 3 -1.85 16.20 -0.72
CA GLU A 3 -0.74 15.37 -1.16
C GLU A 3 -0.89 13.97 -0.56
N ALA A 4 -1.40 13.93 0.67
CA ALA A 4 -1.61 12.67 1.37
C ALA A 4 -2.71 11.90 0.65
N ALA A 5 -3.80 12.59 0.36
CA ALA A 5 -4.92 11.97 -0.33
C ALA A 5 -4.50 11.48 -1.70
N GLN A 6 -3.65 12.25 -2.38
CA GLN A 6 -3.19 11.86 -3.70
C GLN A 6 -2.39 10.56 -3.66
N LEU A 7 -1.50 10.42 -2.69
CA LEU A 7 -0.72 9.20 -2.60
C LEU A 7 -1.57 8.00 -2.25
N LEU A 8 -2.48 8.17 -1.29
CA LEU A 8 -3.37 7.08 -0.89
C LEU A 8 -4.29 6.65 -2.01
N GLU A 9 -4.71 7.60 -2.85
CA GLU A 9 -5.58 7.26 -3.97
C GLU A 9 -4.85 6.30 -4.90
N ALA A 10 -3.60 6.62 -5.22
CA ALA A 10 -2.80 5.76 -6.09
C ALA A 10 -2.51 4.41 -5.42
N ALA A 11 -2.16 4.41 -4.14
CA ALA A 11 -1.86 3.17 -3.44
C ALA A 11 -3.07 2.24 -3.40
N ASP A 12 -4.23 2.81 -3.10
CA ASP A 12 -5.49 2.06 -3.00
C ASP A 12 -5.85 1.51 -4.37
N PHE A 13 -5.78 2.35 -5.39
CA PHE A 13 -6.09 1.95 -6.76
C PHE A 13 -5.21 0.75 -7.11
N ALA A 14 -3.90 0.89 -6.93
CA ALA A 14 -2.96 -0.19 -7.22
C ALA A 14 -3.25 -1.45 -6.38
N ALA A 15 -3.53 -1.28 -5.09
CA ALA A 15 -3.80 -2.43 -4.23
C ALA A 15 -5.00 -3.24 -4.73
N ARG A 16 -6.05 -2.54 -5.17
CA ARG A 16 -7.25 -3.20 -5.67
C ARG A 16 -7.00 -3.91 -7.00
N LYS A 17 -6.30 -3.25 -7.92
CA LYS A 17 -6.02 -3.85 -9.23
C LYS A 17 -5.09 -5.07 -9.14
N HIS A 18 -4.16 -5.03 -8.18
CA HIS A 18 -3.18 -6.11 -7.98
C HIS A 18 -3.60 -7.12 -6.89
N ARG A 19 -4.80 -6.98 -6.35
CA ARG A 19 -5.26 -7.85 -5.27
C ARG A 19 -5.09 -9.35 -5.50
N GLN A 20 -5.22 -9.80 -6.73
CA GLN A 20 -5.09 -11.23 -7.03
C GLN A 20 -3.68 -11.60 -7.51
N GLN A 21 -2.82 -10.61 -7.69
CA GLN A 21 -1.47 -10.85 -8.16
C GLN A 21 -0.48 -11.05 -7.02
N ARG A 22 0.52 -11.88 -7.25
CA ARG A 22 1.54 -12.18 -6.25
C ARG A 22 2.92 -12.19 -6.91
N ARG A 23 3.95 -11.95 -6.11
CA ARG A 23 5.32 -11.97 -6.62
C ARG A 23 5.71 -13.44 -6.83
N LYS A 24 6.88 -13.67 -7.42
CA LYS A 24 7.36 -15.02 -7.69
C LYS A 24 8.24 -15.60 -6.61
N ASP A 25 8.24 -14.98 -5.43
CA ASP A 25 9.05 -15.47 -4.33
C ASP A 25 8.32 -16.68 -3.74
N PRO A 26 9.07 -17.58 -3.06
CA PRO A 26 8.50 -18.78 -2.45
C PRO A 26 7.25 -18.53 -1.61
N GLU A 27 7.19 -17.40 -0.93
CA GLU A 27 6.04 -17.06 -0.10
C GLU A 27 4.88 -16.51 -0.92
N GLY A 28 5.14 -16.15 -2.17
CA GLY A 28 4.07 -15.60 -2.99
C GLY A 28 3.56 -14.31 -2.37
N THR A 29 4.48 -13.40 -2.08
CA THR A 29 4.18 -12.11 -1.46
C THR A 29 3.19 -11.29 -2.30
N PRO A 30 2.23 -10.63 -1.64
CA PRO A 30 1.23 -9.81 -2.37
C PRO A 30 1.99 -8.89 -3.33
N TYR A 31 1.55 -8.82 -4.58
CA TYR A 31 2.25 -8.01 -5.57
C TYR A 31 2.30 -6.53 -5.23
N ILE A 32 1.26 -6.02 -4.57
CA ILE A 32 1.21 -4.62 -4.20
C ILE A 32 2.46 -4.16 -3.45
N ASN A 33 3.12 -5.07 -2.73
CA ASN A 33 4.33 -4.71 -2.01
C ASN A 33 5.41 -4.15 -2.94
N HIS A 34 5.44 -4.63 -4.18
CA HIS A 34 6.44 -4.16 -5.14
C HIS A 34 6.23 -2.70 -5.51
N PRO A 35 5.04 -2.33 -6.04
CA PRO A 35 4.87 -0.93 -6.39
C PRO A 35 5.12 0.00 -5.22
N ILE A 36 4.68 -0.41 -4.03
CA ILE A 36 4.88 0.40 -2.84
C ILE A 36 6.37 0.59 -2.58
N GLY A 37 7.14 -0.49 -2.69
CA GLY A 37 8.58 -0.41 -2.47
C GLY A 37 9.29 0.46 -3.50
N VAL A 38 8.85 0.37 -4.75
CA VAL A 38 9.45 1.17 -5.82
C VAL A 38 9.23 2.64 -5.51
N ALA A 39 7.99 3.02 -5.16
CA ALA A 39 7.70 4.41 -4.83
C ALA A 39 8.57 4.85 -3.64
N ARG A 40 8.70 3.96 -2.65
CA ARG A 40 9.49 4.30 -1.47
C ARG A 40 10.96 4.54 -1.81
N ILE A 41 11.49 3.78 -2.76
CA ILE A 41 12.87 3.98 -3.16
C ILE A 41 13.05 5.41 -3.68
N LEU A 42 12.08 5.87 -4.46
CA LEU A 42 12.14 7.22 -5.01
C LEU A 42 12.11 8.30 -3.94
N THR A 43 11.25 8.17 -2.93
CA THR A 43 11.22 9.20 -1.89
C THR A 43 12.43 9.13 -0.96
N HIS A 44 12.73 7.94 -0.46
CA HIS A 44 13.83 7.78 0.49
C HIS A 44 15.27 7.78 -0.03
N GLU A 45 15.50 7.18 -1.18
CA GLU A 45 16.87 7.13 -1.71
C GLU A 45 17.13 8.15 -2.82
N ALA A 46 16.13 8.37 -3.67
CA ALA A 46 16.28 9.31 -4.77
C ALA A 46 15.90 10.73 -4.39
N GLY A 47 15.22 10.88 -3.26
CA GLY A 47 14.82 12.21 -2.82
C GLY A 47 13.75 12.83 -3.71
N ILE A 48 12.91 12.00 -4.32
CA ILE A 48 11.86 12.48 -5.18
C ILE A 48 10.63 12.86 -4.36
N THR A 49 10.05 14.03 -4.67
CA THR A 49 8.88 14.51 -3.95
C THR A 49 7.77 14.89 -4.92
N ASP A 50 8.01 14.68 -6.21
CA ASP A 50 7.03 14.98 -7.24
C ASP A 50 5.90 13.97 -7.12
N ILE A 51 4.72 14.41 -6.69
CA ILE A 51 3.58 13.53 -6.52
C ILE A 51 3.24 12.76 -7.80
N VAL A 52 3.36 13.41 -8.95
CA VAL A 52 3.03 12.77 -10.22
C VAL A 52 3.91 11.54 -10.44
N VAL A 53 5.21 11.70 -10.20
CA VAL A 53 6.15 10.61 -10.36
C VAL A 53 5.84 9.48 -9.36
N LEU A 54 5.63 9.82 -8.10
CA LEU A 54 5.35 8.80 -7.09
C LEU A 54 4.07 8.02 -7.39
N GLN A 55 3.04 8.71 -7.89
CA GLN A 55 1.80 8.03 -8.23
C GLN A 55 2.07 7.04 -9.38
N ALA A 56 2.84 7.48 -10.37
CA ALA A 56 3.17 6.61 -11.50
C ALA A 56 3.93 5.36 -11.03
N ALA A 57 4.79 5.53 -10.04
CA ALA A 57 5.54 4.41 -9.49
C ALA A 57 4.56 3.41 -8.88
N LEU A 58 3.64 3.92 -8.06
CA LEU A 58 2.63 3.05 -7.43
C LEU A 58 1.77 2.35 -8.46
N LEU A 59 1.55 3.00 -9.60
CA LEU A 59 0.69 2.43 -10.64
C LEU A 59 1.45 1.90 -11.85
N HIS A 60 2.77 1.89 -11.78
CA HIS A 60 3.58 1.47 -12.93
C HIS A 60 3.28 0.11 -13.56
N ASP A 61 2.65 -0.80 -12.83
CA ASP A 61 2.35 -2.10 -13.40
C ASP A 61 0.85 -2.39 -13.56
N THR A 62 0.02 -1.38 -13.27
CA THR A 62 -1.42 -1.56 -13.37
C THR A 62 -1.94 -1.84 -14.77
N VAL A 63 -1.67 -0.95 -15.72
CA VAL A 63 -2.13 -1.17 -17.08
C VAL A 63 -1.45 -2.41 -17.66
N GLU A 64 -0.22 -2.64 -17.26
CA GLU A 64 0.53 -3.78 -17.75
C GLU A 64 -0.01 -5.14 -17.36
N ASP A 65 -0.22 -5.37 -16.06
CA ASP A 65 -0.69 -6.69 -15.60
C ASP A 65 -2.10 -6.81 -15.03
N THR A 66 -2.91 -5.76 -15.09
CA THR A 66 -4.25 -5.84 -14.52
C THR A 66 -5.33 -5.28 -15.44
N ASP A 67 -6.58 -5.43 -15.03
CA ASP A 67 -7.71 -4.93 -15.81
C ASP A 67 -7.88 -3.43 -15.59
N THR A 68 -6.97 -2.66 -16.19
CA THR A 68 -6.96 -1.21 -16.08
C THR A 68 -6.70 -0.61 -17.45
N THR A 69 -7.44 0.44 -17.79
CA THR A 69 -7.27 1.10 -19.08
C THR A 69 -6.55 2.44 -18.90
N LEU A 70 -6.00 2.97 -19.98
CA LEU A 70 -5.31 4.25 -19.90
C LEU A 70 -6.30 5.34 -19.50
N ASP A 71 -7.54 5.24 -20.01
CA ASP A 71 -8.59 6.21 -19.71
C ASP A 71 -8.91 6.18 -18.22
N GLU A 72 -8.98 4.99 -17.66
CA GLU A 72 -9.26 4.85 -16.25
C GLU A 72 -8.17 5.56 -15.45
N VAL A 73 -6.92 5.36 -15.85
CA VAL A 73 -5.81 5.99 -15.15
C VAL A 73 -5.89 7.52 -15.23
N GLU A 74 -6.17 8.04 -16.43
CA GLU A 74 -6.27 9.48 -16.61
C GLU A 74 -7.46 10.04 -15.82
N LEU A 75 -8.54 9.29 -15.78
CA LEU A 75 -9.74 9.72 -15.06
C LEU A 75 -9.45 9.95 -13.58
N HIS A 76 -8.73 9.03 -12.96
CA HIS A 76 -8.40 9.16 -11.55
C HIS A 76 -7.16 9.98 -11.22
N PHE A 77 -6.17 10.00 -12.12
CA PHE A 77 -4.94 10.73 -11.81
C PHE A 77 -4.49 11.81 -12.77
N GLY A 78 -5.21 12.03 -13.86
CA GLY A 78 -4.81 13.06 -14.80
C GLY A 78 -3.96 12.55 -15.95
N ALA A 79 -3.81 13.38 -16.98
CA ALA A 79 -3.05 13.01 -18.16
C ALA A 79 -1.55 12.86 -17.89
N GLN A 80 -1.01 13.67 -16.99
CA GLN A 80 0.41 13.59 -16.64
C GLN A 80 0.77 12.21 -16.10
N VAL A 81 -0.02 11.73 -15.15
CA VAL A 81 0.20 10.41 -14.57
C VAL A 81 -0.01 9.33 -15.64
N ARG A 82 -1.10 9.43 -16.38
CA ARG A 82 -1.38 8.44 -17.44
C ARG A 82 -0.21 8.34 -18.40
N ARG A 83 0.31 9.48 -18.85
CA ARG A 83 1.44 9.48 -19.77
C ARG A 83 2.66 8.73 -19.21
N LEU A 84 2.99 8.97 -17.94
CA LEU A 84 4.13 8.29 -17.33
C LEU A 84 3.86 6.78 -17.26
N VAL A 85 2.64 6.43 -16.89
CA VAL A 85 2.26 5.02 -16.83
C VAL A 85 2.47 4.40 -18.21
N GLU A 86 2.06 5.11 -19.27
CA GLU A 86 2.24 4.59 -20.64
C GLU A 86 3.71 4.25 -20.89
N GLU A 87 4.59 5.18 -20.54
CA GLU A 87 6.03 4.99 -20.75
C GLU A 87 6.63 3.81 -19.99
N VAL A 88 5.98 3.40 -18.91
CA VAL A 88 6.48 2.30 -18.13
C VAL A 88 5.65 1.04 -18.26
N THR A 89 4.85 0.97 -19.32
CA THR A 89 4.01 -0.18 -19.57
C THR A 89 4.60 -1.04 -20.68
N ASP A 90 4.99 -2.26 -20.32
CA ASP A 90 5.55 -3.16 -21.31
C ASP A 90 4.43 -3.73 -22.15
N ASP A 91 4.76 -4.11 -23.38
CA ASP A 91 3.77 -4.70 -24.28
C ASP A 91 3.79 -6.20 -24.05
N LYS A 92 2.81 -6.65 -23.28
CA LYS A 92 2.66 -8.06 -22.95
C LYS A 92 2.24 -8.94 -24.13
N THR A 93 1.98 -8.36 -25.29
CA THR A 93 1.58 -9.18 -26.43
C THR A 93 2.83 -9.65 -27.19
N LEU A 94 3.98 -9.10 -26.83
CA LEU A 94 5.24 -9.45 -27.46
C LEU A 94 5.96 -10.57 -26.72
N PRO A 95 6.75 -11.38 -27.45
CA PRO A 95 7.48 -12.46 -26.81
C PRO A 95 8.39 -11.82 -25.76
N LYS A 96 8.70 -12.56 -24.70
CA LYS A 96 9.54 -12.03 -23.64
C LYS A 96 10.85 -11.39 -24.15
N LEU A 97 11.57 -12.10 -25.00
CA LEU A 97 12.83 -11.59 -25.54
C LEU A 97 12.64 -10.24 -26.23
N GLU A 98 11.54 -10.12 -26.97
CA GLU A 98 11.25 -8.89 -27.68
C GLU A 98 10.99 -7.76 -26.67
N ARG A 99 10.27 -8.07 -25.60
CA ARG A 99 10.00 -7.06 -24.56
C ARG A 99 11.30 -6.56 -23.97
N LYS A 100 12.23 -7.47 -23.73
CA LYS A 100 13.52 -7.06 -23.15
C LYS A 100 14.23 -6.14 -24.12
N ARG A 101 14.18 -6.44 -25.41
CA ARG A 101 14.82 -5.62 -26.42
C ARG A 101 14.20 -4.21 -26.43
N LEU A 102 12.88 -4.16 -26.33
CA LEU A 102 12.16 -2.89 -26.32
C LEU A 102 12.58 -2.00 -25.17
N GLN A 103 12.71 -2.58 -23.98
CA GLN A 103 13.12 -1.79 -22.81
C GLN A 103 14.49 -1.16 -23.02
N VAL A 104 15.40 -1.92 -23.61
CA VAL A 104 16.75 -1.41 -23.86
C VAL A 104 16.71 -0.27 -24.88
N GLU A 105 15.92 -0.46 -25.94
CA GLU A 105 15.78 0.52 -27.01
C GLU A 105 15.06 1.81 -26.57
N GLN A 106 14.02 1.65 -25.76
CA GLN A 106 13.22 2.78 -25.27
C GLN A 106 13.83 3.57 -24.12
N ALA A 107 14.75 2.96 -23.38
CA ALA A 107 15.35 3.62 -22.23
C ALA A 107 15.79 5.07 -22.42
N PRO A 108 16.69 5.32 -23.39
CA PRO A 108 17.15 6.69 -23.61
C PRO A 108 16.10 7.72 -24.03
N HIS A 109 15.04 7.26 -24.69
CA HIS A 109 13.98 8.15 -25.16
C HIS A 109 12.89 8.45 -24.14
N SER A 110 13.00 7.90 -22.95
CA SER A 110 12.00 8.13 -21.91
C SER A 110 12.09 9.53 -21.30
N SER A 111 10.99 10.02 -20.74
CA SER A 111 10.98 11.33 -20.11
C SER A 111 11.71 11.18 -18.78
N PRO A 112 12.14 12.31 -18.18
CA PRO A 112 12.83 12.25 -16.89
C PRO A 112 12.03 11.47 -15.85
N GLY A 113 10.72 11.73 -15.82
CA GLY A 113 9.86 11.05 -14.87
C GLY A 113 9.85 9.55 -15.05
N ALA A 114 9.69 9.10 -16.29
CA ALA A 114 9.67 7.68 -16.59
C ALA A 114 11.02 7.02 -16.28
N LYS A 115 12.11 7.76 -16.50
CA LYS A 115 13.44 7.23 -16.23
C LYS A 115 13.60 6.99 -14.74
N LEU A 116 13.03 7.88 -13.93
CA LEU A 116 13.11 7.72 -12.48
C LEU A 116 12.38 6.44 -12.05
N VAL A 117 11.17 6.27 -12.57
CA VAL A 117 10.39 5.07 -12.24
C VAL A 117 11.09 3.80 -12.72
N LYS A 118 11.66 3.83 -13.95
CA LYS A 118 12.35 2.66 -14.48
C LYS A 118 13.58 2.32 -13.63
N LEU A 119 14.30 3.34 -13.18
CA LEU A 119 15.48 3.13 -12.35
C LEU A 119 15.11 2.48 -11.03
N ALA A 120 14.11 3.05 -10.36
CA ALA A 120 13.68 2.51 -9.07
C ALA A 120 13.13 1.10 -9.21
N ASP A 121 12.44 0.82 -10.32
CA ASP A 121 11.87 -0.51 -10.54
C ASP A 121 12.99 -1.53 -10.67
N LYS A 122 14.00 -1.19 -11.45
CA LYS A 122 15.15 -2.09 -11.62
C LYS A 122 15.89 -2.31 -10.30
N LEU A 123 16.10 -1.25 -9.54
CA LEU A 123 16.83 -1.36 -8.28
C LEU A 123 16.08 -2.26 -7.32
N TYR A 124 14.77 -2.12 -7.24
CA TYR A 124 13.99 -2.95 -6.35
C TYR A 124 14.12 -4.41 -6.78
N ASN A 125 13.98 -4.68 -8.08
CA ASN A 125 14.07 -6.06 -8.57
C ASN A 125 15.44 -6.71 -8.41
N LEU A 126 16.51 -5.95 -8.60
CA LEU A 126 17.85 -6.53 -8.46
C LEU A 126 18.09 -6.88 -6.98
N ARG A 127 17.69 -5.98 -6.09
CA ARG A 127 17.85 -6.24 -4.67
C ARG A 127 17.03 -7.45 -4.27
N ASP A 128 15.85 -7.58 -4.84
CA ASP A 128 14.98 -8.70 -4.50
C ASP A 128 15.59 -10.01 -5.00
N LEU A 129 16.21 -9.97 -6.18
CA LEU A 129 16.85 -11.16 -6.73
C LEU A 129 18.03 -11.56 -5.87
N ASN A 130 18.77 -10.56 -5.39
CA ASN A 130 19.92 -10.81 -4.53
C ASN A 130 19.46 -11.36 -3.19
N ARG A 131 18.25 -10.99 -2.80
CA ARG A 131 17.67 -11.42 -1.52
C ARG A 131 17.07 -12.82 -1.61
N CYS A 132 16.36 -13.08 -2.71
CA CYS A 132 15.70 -14.37 -2.89
C CYS A 132 15.54 -14.74 -4.36
N THR A 133 15.95 -15.95 -4.72
CA THR A 133 15.82 -16.42 -6.09
C THR A 133 14.36 -16.78 -6.36
N PRO A 134 13.79 -16.26 -7.45
CA PRO A 134 12.39 -16.55 -7.80
C PRO A 134 12.17 -18.04 -8.00
N GLU A 135 10.94 -18.50 -7.73
CA GLU A 135 10.60 -19.91 -7.89
C GLU A 135 10.84 -20.39 -9.32
N GLY A 136 11.60 -21.47 -9.48
CA GLY A 136 11.86 -22.02 -10.80
C GLY A 136 12.93 -21.30 -11.59
N TRP A 137 13.66 -20.40 -10.93
CA TRP A 137 14.74 -19.65 -11.58
C TRP A 137 16.10 -20.25 -11.27
N SER A 138 16.91 -20.43 -12.29
CA SER A 138 18.26 -20.96 -12.11
C SER A 138 19.17 -19.77 -11.84
N GLU A 139 20.34 -20.02 -11.28
CA GLU A 139 21.26 -18.94 -11.00
C GLU A 139 21.66 -18.23 -12.29
N HIS A 140 21.68 -18.99 -13.38
CA HIS A 140 22.05 -18.39 -14.67
C HIS A 140 20.97 -17.39 -15.08
N ARG A 141 19.72 -17.71 -14.77
CA ARG A 141 18.60 -16.83 -15.11
C ARG A 141 18.72 -15.52 -14.33
N VAL A 142 19.14 -15.60 -13.07
CA VAL A 142 19.31 -14.40 -12.26
C VAL A 142 20.39 -13.51 -12.88
N GLN A 143 21.52 -14.12 -13.19
CA GLN A 143 22.63 -13.40 -13.80
C GLN A 143 22.20 -12.78 -15.12
N GLU A 144 21.39 -13.52 -15.85
CA GLU A 144 20.87 -13.07 -17.15
C GLU A 144 20.03 -11.81 -16.94
N TYR A 145 19.22 -11.82 -15.88
CA TYR A 145 18.37 -10.68 -15.57
C TYR A 145 19.26 -9.46 -15.32
N PHE A 146 20.31 -9.64 -14.52
CA PHE A 146 21.22 -8.55 -14.23
C PHE A 146 21.88 -8.01 -15.51
N GLU A 147 22.27 -8.91 -16.40
CA GLU A 147 22.90 -8.49 -17.65
C GLU A 147 21.95 -7.62 -18.47
N TRP A 148 20.71 -8.07 -18.60
CA TRP A 148 19.70 -7.31 -19.33
C TRP A 148 19.45 -5.99 -18.60
N ALA A 149 19.28 -6.06 -17.28
CA ALA A 149 19.03 -4.87 -16.50
C ALA A 149 20.12 -3.82 -16.76
N ALA A 150 21.37 -4.26 -16.85
CA ALA A 150 22.47 -3.34 -17.11
C ALA A 150 22.28 -2.62 -18.44
N GLN A 151 21.86 -3.36 -19.45
CA GLN A 151 21.64 -2.80 -20.79
C GLN A 151 20.61 -1.66 -20.71
N VAL A 152 19.57 -1.87 -19.91
CA VAL A 152 18.53 -0.87 -19.75
C VAL A 152 19.00 0.36 -18.96
N VAL A 153 19.62 0.13 -17.81
CA VAL A 153 20.09 1.23 -16.97
C VAL A 153 21.09 2.16 -17.67
N LYS A 154 21.93 1.60 -18.53
CA LYS A 154 22.91 2.39 -19.26
C LYS A 154 22.20 3.48 -20.07
N GLY A 155 20.98 3.19 -20.50
CA GLY A 155 20.22 4.17 -21.27
C GLY A 155 19.45 5.16 -20.42
N LEU A 156 19.36 4.87 -19.12
CA LEU A 156 18.62 5.73 -18.20
C LEU A 156 19.54 6.66 -17.40
N GLN A 157 20.84 6.54 -17.63
CA GLN A 157 21.83 7.33 -16.92
C GLN A 157 21.69 8.84 -17.04
N GLY A 158 22.20 9.54 -16.03
CA GLY A 158 22.14 10.99 -15.99
C GLY A 158 20.79 11.49 -15.52
N THR A 159 20.11 10.68 -14.70
CA THR A 159 18.80 11.05 -14.19
C THR A 159 18.78 11.28 -12.68
N ASN A 160 19.40 10.35 -11.94
CA ASN A 160 19.46 10.46 -10.48
C ASN A 160 20.74 9.80 -9.99
N ARG A 161 21.63 10.60 -9.43
CA ARG A 161 22.91 10.10 -8.94
C ARG A 161 22.78 8.99 -7.89
N GLN A 162 21.87 9.17 -6.94
CA GLN A 162 21.67 8.18 -5.88
C GLN A 162 21.30 6.78 -6.41
N LEU A 163 20.28 6.72 -7.27
CA LEU A 163 19.85 5.45 -7.83
C LEU A 163 20.90 4.82 -8.74
N GLU A 164 21.52 5.65 -9.57
CA GLU A 164 22.54 5.16 -10.49
C GLU A 164 23.77 4.65 -9.76
N GLU A 165 24.16 5.29 -8.67
CA GLU A 165 25.32 4.80 -7.93
C GLU A 165 24.98 3.47 -7.30
N ALA A 166 23.80 3.37 -6.69
CA ALA A 166 23.36 2.13 -6.05
C ALA A 166 23.35 1.01 -7.09
N LEU A 167 22.73 1.29 -8.24
CA LEU A 167 22.66 0.31 -9.32
C LEU A 167 24.05 -0.09 -9.81
N LYS A 168 24.91 0.91 -10.02
CA LYS A 168 26.27 0.64 -10.50
C LYS A 168 26.98 -0.28 -9.51
N HIS A 169 26.78 -0.04 -8.23
CA HIS A 169 27.42 -0.85 -7.19
C HIS A 169 26.95 -2.31 -7.24
N LEU A 170 25.63 -2.51 -7.35
CA LEU A 170 25.09 -3.87 -7.40
C LEU A 170 25.54 -4.58 -8.67
N PHE A 171 25.64 -3.82 -9.77
CA PHE A 171 26.09 -4.41 -11.03
C PHE A 171 27.55 -4.84 -10.93
N LYS A 172 28.38 -4.00 -10.33
CA LYS A 172 29.80 -4.31 -10.19
C LYS A 172 30.03 -5.61 -9.43
N GLN A 173 29.19 -5.87 -8.43
CA GLN A 173 29.30 -7.08 -7.63
C GLN A 173 29.16 -8.34 -8.46
N ARG A 174 28.50 -8.20 -9.61
CA ARG A 174 28.30 -9.33 -10.50
C ARG A 174 29.10 -9.19 -11.79
N GLY A 175 30.19 -8.45 -11.72
CA GLY A 175 31.05 -8.27 -12.87
C GLY A 175 30.53 -7.45 -14.03
N LEU A 176 29.49 -6.65 -13.79
CA LEU A 176 28.91 -5.80 -14.84
C LEU A 176 29.23 -4.33 -14.57
N THR A 177 29.65 -3.61 -15.61
CA THR A 177 29.99 -2.20 -15.47
C THR A 177 28.97 -1.28 -16.15
N ILE A 178 28.46 -0.32 -15.39
CA ILE A 178 27.47 0.65 -15.87
C ILE A 178 26.44 0.01 -16.80
N GLY B 1 10.96 12.84 6.62
CA GLY B 1 11.44 13.88 5.73
C GLY B 1 10.32 14.69 5.11
N SER B 2 9.66 14.13 4.11
CA SER B 2 8.56 14.80 3.44
C SER B 2 7.26 14.03 3.68
N GLU B 3 6.13 14.69 3.46
CA GLU B 3 4.83 14.07 3.67
C GLU B 3 4.70 12.82 2.80
N ALA B 4 5.21 12.89 1.58
CA ALA B 4 5.18 11.78 0.64
C ALA B 4 5.99 10.63 1.20
N ALA B 5 7.21 10.91 1.60
CA ALA B 5 8.10 9.91 2.16
C ALA B 5 7.51 9.31 3.43
N GLN B 6 6.88 10.15 4.26
CA GLN B 6 6.29 9.69 5.52
C GLN B 6 5.16 8.70 5.30
N LEU B 7 4.31 8.96 4.30
CA LEU B 7 3.19 8.05 4.03
C LEU B 7 3.70 6.73 3.48
N LEU B 8 4.65 6.81 2.55
CA LEU B 8 5.20 5.61 1.96
C LEU B 8 5.96 4.75 2.96
N GLU B 9 6.58 5.39 3.95
CA GLU B 9 7.30 4.65 4.98
C GLU B 9 6.32 3.80 5.77
N ALA B 10 5.19 4.38 6.15
CA ALA B 10 4.19 3.63 6.90
C ALA B 10 3.56 2.55 6.00
N ALA B 11 3.20 2.92 4.77
CA ALA B 11 2.61 1.97 3.84
C ALA B 11 3.51 0.75 3.63
N ASP B 12 4.79 1.02 3.38
CA ASP B 12 5.78 -0.03 3.16
C ASP B 12 5.93 -0.90 4.40
N PHE B 13 6.09 -0.26 5.56
CA PHE B 13 6.23 -0.96 6.82
C PHE B 13 5.04 -1.91 7.04
N ALA B 14 3.83 -1.40 6.88
CA ALA B 14 2.64 -2.22 7.05
C ALA B 14 2.55 -3.35 6.01
N ALA B 15 2.91 -3.04 4.76
CA ALA B 15 2.85 -4.06 3.71
C ALA B 15 3.78 -5.23 4.03
N ARG B 16 4.97 -4.93 4.52
CA ARG B 16 5.94 -5.96 4.87
C ARG B 16 5.45 -6.77 6.08
N LYS B 17 4.95 -6.09 7.11
CA LYS B 17 4.47 -6.78 8.30
C LYS B 17 3.26 -7.68 8.03
N HIS B 18 2.37 -7.24 7.14
CA HIS B 18 1.15 -8.01 6.80
C HIS B 18 1.30 -8.89 5.55
N ARG B 19 2.52 -8.99 5.02
CA ARG B 19 2.77 -9.76 3.80
C ARG B 19 2.15 -11.16 3.76
N GLN B 20 2.09 -11.83 4.89
CA GLN B 20 1.53 -13.18 4.95
C GLN B 20 0.08 -13.20 5.39
N GLN B 21 -0.46 -12.04 5.75
CA GLN B 21 -1.84 -11.95 6.22
C GLN B 21 -2.83 -11.70 5.08
N ARG B 22 -4.02 -12.27 5.19
CA ARG B 22 -5.06 -12.12 4.18
C ARG B 22 -6.40 -11.81 4.85
N ARG B 23 -7.27 -11.12 4.13
CA ARG B 23 -8.60 -10.81 4.65
C ARG B 23 -9.40 -12.10 4.68
N LYS B 24 -10.58 -12.06 5.29
CA LYS B 24 -11.44 -13.24 5.41
C LYS B 24 -12.43 -13.37 4.25
N ASP B 25 -12.21 -12.63 3.18
CA ASP B 25 -13.09 -12.71 2.03
C ASP B 25 -12.76 -13.97 1.24
N PRO B 26 -13.69 -14.43 0.40
CA PRO B 26 -13.51 -15.64 -0.43
C PRO B 26 -12.19 -15.68 -1.18
N GLU B 27 -11.87 -14.60 -1.89
CA GLU B 27 -10.63 -14.53 -2.65
C GLU B 27 -9.40 -14.43 -1.76
N GLY B 28 -9.62 -14.14 -0.48
CA GLY B 28 -8.49 -14.02 0.44
C GLY B 28 -7.58 -12.88 0.01
N THR B 29 -8.15 -11.67 -0.05
CA THR B 29 -7.42 -10.47 -0.47
C THR B 29 -6.28 -10.12 0.48
N PRO B 30 -5.13 -9.66 -0.07
CA PRO B 30 -3.99 -9.30 0.77
C PRO B 30 -4.49 -8.39 1.89
N TYR B 31 -4.08 -8.65 3.12
CA TYR B 31 -4.55 -7.86 4.24
C TYR B 31 -4.20 -6.37 4.14
N ILE B 32 -3.02 -6.08 3.58
CA ILE B 32 -2.58 -4.70 3.42
C ILE B 32 -3.61 -3.78 2.78
N ASN B 33 -4.51 -4.34 1.97
CA ASN B 33 -5.53 -3.52 1.33
C ASN B 33 -6.44 -2.84 2.36
N HIS B 34 -6.62 -3.49 3.51
CA HIS B 34 -7.47 -2.94 4.55
C HIS B 34 -6.89 -1.66 5.14
N PRO B 35 -5.66 -1.71 5.66
CA PRO B 35 -5.09 -0.49 6.24
C PRO B 35 -5.01 0.65 5.23
N ILE B 36 -4.70 0.32 3.99
CA ILE B 36 -4.62 1.33 2.95
C ILE B 36 -6.01 1.94 2.75
N GLY B 37 -7.03 1.09 2.77
CA GLY B 37 -8.39 1.57 2.59
C GLY B 37 -8.89 2.40 3.74
N VAL B 38 -8.44 2.07 4.95
CA VAL B 38 -8.84 2.81 6.14
C VAL B 38 -8.24 4.22 6.08
N ALA B 39 -6.96 4.31 5.78
CA ALA B 39 -6.31 5.61 5.70
C ALA B 39 -6.95 6.45 4.60
N ARG B 40 -7.29 5.79 3.49
CA ARG B 40 -7.90 6.50 2.37
C ARG B 40 -9.27 7.08 2.76
N ILE B 41 -9.97 6.38 3.65
CA ILE B 41 -11.26 6.87 4.11
C ILE B 41 -11.05 8.18 4.84
N LEU B 42 -10.00 8.21 5.67
CA LEU B 42 -9.67 9.40 6.43
C LEU B 42 -9.33 10.60 5.55
N THR B 43 -8.52 10.42 4.52
CA THR B 43 -8.19 11.56 3.67
C THR B 43 -9.37 11.97 2.77
N HIS B 44 -9.95 11.01 2.07
CA HIS B 44 -11.04 11.31 1.14
C HIS B 44 -12.42 11.68 1.69
N GLU B 45 -12.87 11.00 2.74
CA GLU B 45 -14.18 11.27 3.29
C GLU B 45 -14.18 12.14 4.54
N ALA B 46 -13.25 11.87 5.45
CA ALA B 46 -13.16 12.63 6.69
C ALA B 46 -12.34 13.91 6.53
N GLY B 47 -11.68 14.05 5.39
CA GLY B 47 -10.88 15.23 5.14
C GLY B 47 -9.69 15.38 6.09
N ILE B 48 -9.12 14.26 6.52
CA ILE B 48 -7.99 14.32 7.44
C ILE B 48 -6.66 14.47 6.68
N THR B 49 -5.81 15.37 7.15
CA THR B 49 -4.51 15.61 6.50
C THR B 49 -3.34 15.43 7.47
N ASP B 50 -3.67 15.19 8.73
CA ASP B 50 -2.67 15.00 9.77
C ASP B 50 -1.88 13.73 9.46
N ILE B 51 -0.63 13.89 9.04
CA ILE B 51 0.22 12.75 8.70
C ILE B 51 0.34 11.73 9.82
N VAL B 52 0.36 12.20 11.06
CA VAL B 52 0.47 11.29 12.21
C VAL B 52 -0.73 10.35 12.27
N VAL B 53 -1.92 10.90 12.05
CA VAL B 53 -3.14 10.10 12.07
C VAL B 53 -3.17 9.11 10.90
N LEU B 54 -2.79 9.56 9.71
CA LEU B 54 -2.79 8.69 8.55
C LEU B 54 -1.78 7.54 8.69
N GLN B 55 -0.62 7.83 9.26
CA GLN B 55 0.37 6.77 9.47
C GLN B 55 -0.21 5.74 10.45
N ALA B 56 -0.82 6.22 11.53
CA ALA B 56 -1.41 5.32 12.53
C ALA B 56 -2.48 4.42 11.88
N ALA B 57 -3.25 4.98 10.94
CA ALA B 57 -4.28 4.20 10.26
C ALA B 57 -3.64 3.08 9.46
N LEU B 58 -2.57 3.42 8.73
CA LEU B 58 -1.86 2.42 7.93
C LEU B 58 -1.23 1.36 8.81
N LEU B 59 -0.86 1.73 10.04
CA LEU B 59 -0.21 0.78 10.94
C LEU B 59 -1.12 0.26 12.04
N HIS B 60 -2.39 0.63 11.99
CA HIS B 60 -3.34 0.25 13.03
C HIS B 60 -3.45 -1.22 13.43
N ASP B 61 -3.08 -2.14 12.55
CA ASP B 61 -3.16 -3.55 12.91
C ASP B 61 -1.81 -4.25 13.00
N THR B 62 -0.72 -3.48 12.83
CA THR B 62 0.62 -4.05 12.88
C THR B 62 0.99 -4.70 14.22
N VAL B 63 0.96 -3.94 15.31
CA VAL B 63 1.30 -4.50 16.61
C VAL B 63 0.28 -5.58 17.01
N GLU B 64 -0.95 -5.38 16.58
CA GLU B 64 -2.01 -6.31 16.90
C GLU B 64 -1.88 -7.69 16.27
N ASP B 65 -1.66 -7.76 14.97
CA ASP B 65 -1.58 -9.03 14.26
C ASP B 65 -0.24 -9.49 13.69
N THR B 66 0.82 -8.71 13.86
CA THR B 66 2.12 -9.09 13.29
C THR B 66 3.28 -9.00 14.25
N ASP B 67 4.45 -9.45 13.79
CA ASP B 67 5.66 -9.42 14.59
C ASP B 67 6.22 -8.00 14.62
N THR B 68 5.54 -7.14 15.37
CA THR B 68 5.93 -5.72 15.50
C THR B 68 5.85 -5.31 16.97
N THR B 69 6.85 -4.59 17.45
CA THR B 69 6.87 -4.14 18.84
C THR B 69 6.56 -2.65 18.88
N LEU B 70 6.11 -2.17 20.05
CA LEU B 70 5.82 -0.75 20.19
C LEU B 70 7.07 0.07 19.94
N ASP B 71 8.22 -0.41 20.43
CA ASP B 71 9.48 0.31 20.25
C ASP B 71 9.83 0.43 18.78
N GLU B 72 9.58 -0.62 18.02
CA GLU B 72 9.88 -0.59 16.59
C GLU B 72 9.03 0.48 15.92
N VAL B 73 7.75 0.58 16.31
CA VAL B 73 6.89 1.59 15.72
C VAL B 73 7.41 2.99 16.07
N GLU B 74 7.75 3.20 17.33
CA GLU B 74 8.27 4.50 17.76
C GLU B 74 9.59 4.82 17.07
N LEU B 75 10.42 3.80 16.87
CA LEU B 75 11.71 3.99 16.21
C LEU B 75 11.55 4.55 14.80
N HIS B 76 10.63 3.98 14.04
CA HIS B 76 10.39 4.42 12.67
C HIS B 76 9.45 5.61 12.49
N PHE B 77 8.49 5.78 13.39
CA PHE B 77 7.51 6.86 13.25
C PHE B 77 7.36 7.82 14.40
N GLY B 78 8.12 7.62 15.49
CA GLY B 78 8.01 8.54 16.62
C GLY B 78 6.99 8.14 17.67
N ALA B 79 7.06 8.79 18.83
CA ALA B 79 6.17 8.50 19.94
C ALA B 79 4.70 8.81 19.69
N GLN B 80 4.43 9.90 18.95
CA GLN B 80 3.06 10.27 18.65
C GLN B 80 2.35 9.13 17.93
N VAL B 81 2.96 8.61 16.88
CA VAL B 81 2.39 7.51 16.11
C VAL B 81 2.28 6.25 16.97
N ARG B 82 3.34 5.94 17.72
CA ARG B 82 3.30 4.74 18.55
C ARG B 82 2.14 4.83 19.53
N ARG B 83 1.92 6.02 20.11
CA ARG B 83 0.80 6.20 21.04
C ARG B 83 -0.55 5.92 20.40
N LEU B 84 -0.77 6.45 19.20
CA LEU B 84 -2.03 6.22 18.50
C LEU B 84 -2.20 4.74 18.20
N VAL B 85 -1.10 4.11 17.79
CA VAL B 85 -1.13 2.69 17.49
C VAL B 85 -1.54 1.92 18.75
N GLU B 86 -0.99 2.32 19.90
CA GLU B 86 -1.34 1.68 21.18
C GLU B 86 -2.83 1.72 21.43
N GLU B 87 -3.43 2.89 21.24
CA GLU B 87 -4.85 3.07 21.47
C GLU B 87 -5.74 2.24 20.54
N VAL B 88 -5.20 1.83 19.40
CA VAL B 88 -5.98 1.05 18.46
C VAL B 88 -5.53 -0.40 18.36
N THR B 89 -4.80 -0.87 19.37
CA THR B 89 -4.34 -2.24 19.37
C THR B 89 -5.17 -3.06 20.36
N ASP B 90 -5.91 -4.03 19.86
CA ASP B 90 -6.71 -4.87 20.73
C ASP B 90 -5.80 -5.88 21.39
N ASP B 91 -6.24 -6.38 22.53
CA ASP B 91 -5.49 -7.37 23.28
C ASP B 91 -5.92 -8.73 22.78
N LYS B 92 -5.10 -9.32 21.92
CA LYS B 92 -5.40 -10.63 21.35
C LYS B 92 -5.27 -11.78 22.35
N THR B 93 -4.85 -11.50 23.58
CA THR B 93 -4.73 -12.57 24.57
C THR B 93 -6.08 -12.76 25.26
N LEU B 94 -7.01 -11.85 25.00
CA LEU B 94 -8.34 -11.91 25.61
C LEU B 94 -9.33 -12.65 24.72
N PRO B 95 -10.32 -13.30 25.35
CA PRO B 95 -11.33 -14.01 24.56
C PRO B 95 -11.99 -12.96 23.66
N LYS B 96 -12.48 -13.40 22.51
CA LYS B 96 -13.12 -12.48 21.57
C LYS B 96 -14.19 -11.60 22.23
N LEU B 97 -15.09 -12.22 22.98
CA LEU B 97 -16.17 -11.48 23.63
C LEU B 97 -15.64 -10.37 24.53
N GLU B 98 -14.53 -10.64 25.23
CA GLU B 98 -13.94 -9.66 26.12
C GLU B 98 -13.34 -8.50 25.31
N ARG B 99 -12.74 -8.84 24.17
CA ARG B 99 -12.15 -7.81 23.30
C ARG B 99 -13.24 -6.87 22.82
N LYS B 100 -14.40 -7.43 22.51
CA LYS B 100 -15.51 -6.63 22.04
C LYS B 100 -15.97 -5.69 23.15
N ARG B 101 -16.03 -6.23 24.37
CA ARG B 101 -16.43 -5.42 25.51
C ARG B 101 -15.44 -4.28 25.73
N LEU B 102 -14.15 -4.61 25.62
CA LEU B 102 -13.09 -3.63 25.80
C LEU B 102 -13.22 -2.45 24.85
N GLN B 103 -13.41 -2.76 23.56
CA GLN B 103 -13.55 -1.70 22.57
C GLN B 103 -14.70 -0.76 22.90
N VAL B 104 -15.79 -1.33 23.40
CA VAL B 104 -16.95 -0.53 23.75
C VAL B 104 -16.64 0.41 24.92
N GLU B 105 -16.01 -0.14 25.96
CA GLU B 105 -15.66 0.63 27.16
C GLU B 105 -14.59 1.69 26.88
N GLN B 106 -13.62 1.35 26.04
CA GLN B 106 -12.52 2.24 25.70
C GLN B 106 -12.86 3.37 24.72
N ALA B 107 -13.87 3.16 23.89
CA ALA B 107 -14.24 4.15 22.88
C ALA B 107 -14.25 5.61 23.33
N PRO B 108 -15.09 5.97 24.31
CA PRO B 108 -15.15 7.36 24.77
C PRO B 108 -13.87 7.95 25.36
N HIS B 109 -13.00 7.10 25.90
CA HIS B 109 -11.76 7.56 26.51
C HIS B 109 -10.60 7.72 25.52
N SER B 110 -10.84 7.44 24.25
CA SER B 110 -9.79 7.56 23.23
C SER B 110 -9.45 9.01 22.86
N SER B 111 -8.25 9.24 22.35
CA SER B 111 -7.87 10.59 21.95
C SER B 111 -8.54 10.86 20.61
N PRO B 112 -8.60 12.14 20.20
CA PRO B 112 -9.24 12.49 18.94
C PRO B 112 -8.65 11.68 17.76
N GLY B 113 -7.33 11.59 17.71
CA GLY B 113 -6.69 10.84 16.64
C GLY B 113 -7.12 9.39 16.61
N ALA B 114 -7.12 8.75 17.78
CA ALA B 114 -7.51 7.35 17.89
C ALA B 114 -8.98 7.14 17.49
N LYS B 115 -9.85 8.09 17.84
CA LYS B 115 -11.27 7.97 17.50
C LYS B 115 -11.45 8.04 15.99
N LEU B 116 -10.61 8.81 15.33
CA LEU B 116 -10.69 8.92 13.88
C LEU B 116 -10.33 7.58 13.25
N VAL B 117 -9.22 6.98 13.69
CA VAL B 117 -8.79 5.69 13.15
C VAL B 117 -9.86 4.63 13.43
N LYS B 118 -10.40 4.61 14.64
CA LYS B 118 -11.43 3.62 15.00
C LYS B 118 -12.69 3.79 14.14
N LEU B 119 -13.07 5.04 13.89
CA LEU B 119 -14.25 5.31 13.08
C LEU B 119 -14.05 4.83 11.64
N ALA B 120 -12.88 5.13 11.08
CA ALA B 120 -12.60 4.73 9.71
C ALA B 120 -12.50 3.20 9.60
N ASP B 121 -11.92 2.57 10.62
CA ASP B 121 -11.77 1.12 10.63
C ASP B 121 -13.14 0.45 10.58
N LYS B 122 -14.05 0.94 11.42
CA LYS B 122 -15.40 0.40 11.45
C LYS B 122 -16.12 0.60 10.11
N LEU B 123 -16.04 1.82 9.56
CA LEU B 123 -16.72 2.12 8.30
C LEU B 123 -16.24 1.20 7.19
N TYR B 124 -14.94 0.94 7.13
CA TYR B 124 -14.40 0.07 6.10
C TYR B 124 -14.96 -1.34 6.30
N ASN B 125 -14.90 -1.84 7.54
CA ASN B 125 -15.39 -3.18 7.81
C ASN B 125 -16.90 -3.36 7.58
N LEU B 126 -17.69 -2.34 7.87
CA LEU B 126 -19.14 -2.46 7.67
C LEU B 126 -19.45 -2.52 6.19
N ARG B 127 -18.78 -1.67 5.42
CA ARG B 127 -18.97 -1.65 3.99
C ARG B 127 -18.54 -2.98 3.41
N ASP B 128 -17.42 -3.50 3.88
CA ASP B 128 -16.90 -4.77 3.39
C ASP B 128 -17.89 -5.89 3.68
N LEU B 129 -18.50 -5.87 4.86
CA LEU B 129 -19.49 -6.88 5.22
C LEU B 129 -20.71 -6.76 4.33
N ASN B 130 -21.11 -5.53 4.04
CA ASN B 130 -22.27 -5.29 3.17
C ASN B 130 -21.96 -5.75 1.76
N ARG B 131 -20.68 -5.67 1.39
CA ARG B 131 -20.23 -6.02 0.06
C ARG B 131 -20.04 -7.53 -0.11
N CYS B 132 -19.55 -8.18 0.94
CA CYS B 132 -19.27 -9.60 0.89
C CYS B 132 -19.22 -10.25 2.27
N THR B 133 -20.00 -11.30 2.45
CA THR B 133 -20.03 -12.02 3.72
C THR B 133 -18.71 -12.78 3.89
N PRO B 134 -18.05 -12.64 5.04
CA PRO B 134 -16.79 -13.34 5.29
C PRO B 134 -17.00 -14.86 5.23
N GLU B 135 -15.96 -15.60 4.88
CA GLU B 135 -16.08 -17.05 4.80
C GLU B 135 -16.45 -17.66 6.14
N GLY B 136 -17.41 -18.59 6.12
CA GLY B 136 -17.83 -19.26 7.34
C GLY B 136 -18.65 -18.38 8.27
N TRP B 137 -19.16 -17.27 7.73
CA TRP B 137 -19.96 -16.34 8.51
C TRP B 137 -21.44 -16.43 8.17
N SER B 138 -22.28 -16.55 9.20
CA SER B 138 -23.72 -16.61 8.99
C SER B 138 -24.24 -15.18 8.94
N GLU B 139 -25.43 -14.98 8.40
CA GLU B 139 -26.00 -13.64 8.31
C GLU B 139 -26.22 -13.06 9.70
N HIS B 140 -26.50 -13.93 10.67
CA HIS B 140 -26.72 -13.46 12.03
C HIS B 140 -25.41 -12.90 12.58
N ARG B 141 -24.30 -13.56 12.22
CA ARG B 141 -22.98 -13.12 12.69
C ARG B 141 -22.65 -11.76 12.06
N VAL B 142 -23.12 -11.54 10.84
CA VAL B 142 -22.89 -10.27 10.17
C VAL B 142 -23.66 -9.20 10.93
N GLN B 143 -24.92 -9.50 11.25
CA GLN B 143 -25.78 -8.57 11.99
C GLN B 143 -25.21 -8.31 13.38
N GLU B 144 -24.67 -9.36 13.99
CA GLU B 144 -24.08 -9.27 15.34
C GLU B 144 -22.93 -8.26 15.30
N TYR B 145 -22.14 -8.32 14.24
CA TYR B 145 -21.01 -7.42 14.10
C TYR B 145 -21.51 -5.98 14.06
N PHE B 146 -22.56 -5.73 13.28
CA PHE B 146 -23.12 -4.39 13.18
C PHE B 146 -23.62 -3.89 14.54
N GLU B 147 -24.29 -4.76 15.30
CA GLU B 147 -24.80 -4.36 16.61
C GLU B 147 -23.64 -3.96 17.51
N TRP B 148 -22.58 -4.77 17.49
CA TRP B 148 -21.40 -4.48 18.30
C TRP B 148 -20.76 -3.18 17.83
N ALA B 149 -20.60 -3.05 16.51
CA ALA B 149 -20.01 -1.84 15.95
C ALA B 149 -20.78 -0.59 16.37
N ALA B 150 -22.11 -0.70 16.46
CA ALA B 150 -22.92 0.45 16.87
C ALA B 150 -22.58 0.88 18.29
N GLN B 151 -22.37 -0.09 19.17
CA GLN B 151 -22.03 0.19 20.56
C GLN B 151 -20.70 0.95 20.65
N VAL B 152 -19.73 0.54 19.84
CA VAL B 152 -18.43 1.20 19.82
C VAL B 152 -18.53 2.61 19.24
N VAL B 153 -19.16 2.74 18.09
CA VAL B 153 -19.29 4.04 17.44
C VAL B 153 -20.02 5.07 18.30
N LYS B 154 -21.01 4.62 19.07
CA LYS B 154 -21.76 5.52 19.93
C LYS B 154 -20.81 6.26 20.89
N GLY B 155 -19.69 5.61 21.23
CA GLY B 155 -18.73 6.22 22.13
C GLY B 155 -17.67 7.04 21.42
N LEU B 156 -17.65 6.98 20.09
CA LEU B 156 -16.67 7.71 19.29
C LEU B 156 -17.25 8.99 18.69
N GLN B 157 -18.55 9.21 18.93
CA GLN B 157 -19.24 10.37 18.38
C GLN B 157 -18.68 11.71 18.79
N GLY B 158 -18.93 12.71 17.95
CA GLY B 158 -18.44 14.06 18.20
C GLY B 158 -17.00 14.23 17.73
N THR B 159 -16.59 13.41 16.77
CA THR B 159 -15.23 13.46 16.26
C THR B 159 -15.14 13.91 14.81
N ASN B 160 -15.94 13.31 13.94
CA ASN B 160 -15.91 13.66 12.53
C ASN B 160 -17.32 13.47 11.96
N ARG B 161 -17.92 14.56 11.51
CA ARG B 161 -19.26 14.53 10.97
C ARG B 161 -19.43 13.60 9.77
N GLN B 162 -18.51 13.69 8.81
CA GLN B 162 -18.59 12.85 7.61
C GLN B 162 -18.63 11.35 7.90
N LEU B 163 -17.68 10.86 8.69
CA LEU B 163 -17.64 9.44 9.04
C LEU B 163 -18.85 9.02 9.85
N GLU B 164 -19.23 9.86 10.82
CA GLU B 164 -20.36 9.56 11.68
C GLU B 164 -21.69 9.52 10.93
N GLU B 165 -21.86 10.42 9.96
CA GLU B 165 -23.10 10.41 9.18
C GLU B 165 -23.13 9.14 8.32
N ALA B 166 -22.00 8.80 7.69
CA ALA B 166 -21.92 7.61 6.87
C ALA B 166 -22.27 6.38 7.71
N LEU B 167 -21.63 6.28 8.87
CA LEU B 167 -21.87 5.16 9.78
C LEU B 167 -23.33 5.12 10.22
N LYS B 168 -23.88 6.29 10.56
CA LYS B 168 -25.27 6.35 10.99
C LYS B 168 -26.19 5.80 9.90
N HIS B 169 -25.93 6.19 8.66
CA HIS B 169 -26.75 5.72 7.55
C HIS B 169 -26.70 4.20 7.41
N LEU B 170 -25.49 3.64 7.42
CA LEU B 170 -25.34 2.19 7.28
C LEU B 170 -26.01 1.46 8.44
N PHE B 171 -25.90 2.00 9.65
CA PHE B 171 -26.53 1.35 10.81
C PHE B 171 -28.05 1.35 10.66
N LYS B 172 -28.61 2.49 10.24
CA LYS B 172 -30.05 2.60 10.06
C LYS B 172 -30.63 1.57 9.09
N GLN B 173 -29.89 1.26 8.03
CA GLN B 173 -30.34 0.29 7.04
C GLN B 173 -30.57 -1.07 7.67
N ARG B 174 -29.90 -1.31 8.79
CA ARG B 174 -30.02 -2.59 9.49
C ARG B 174 -30.76 -2.44 10.81
N GLY B 175 -31.58 -1.41 10.91
CA GLY B 175 -32.38 -1.17 12.11
C GLY B 175 -31.66 -0.72 13.37
N LEU B 176 -30.45 -0.18 13.21
CA LEU B 176 -29.66 0.29 14.35
C LEU B 176 -29.60 1.81 14.35
N THR B 177 -29.81 2.42 15.51
CA THR B 177 -29.78 3.87 15.62
C THR B 177 -28.54 4.36 16.34
N ILE B 178 -27.83 5.28 15.70
CA ILE B 178 -26.59 5.87 16.21
C ILE B 178 -25.70 4.87 16.93
#